data_6QR2
#
_entry.id   6QR2
#
_cell.length_a   74.881
_cell.length_b   76.728
_cell.length_c   86.588
_cell.angle_alpha   90.000
_cell.angle_beta   90.000
_cell.angle_gamma   90.000
#
_symmetry.space_group_name_H-M   'P 21 21 21'
#
loop_
_entity.id
_entity.type
_entity.pdbx_description
1 polymer 'tRNA (guanine-N(1)-)-methyltransferase'
2 non-polymer 5-azanyl-3-[1-[(2-oxidanylpyridin-3-yl)methyl]indol-6-yl]-1~{H}-pyrazole-4-carbonitrile
3 non-polymer 'SULFATE ION'
4 water water
#
_entity_poly.entity_id   1
_entity_poly.type   'polypeptide(L)'
_entity_poly.pdbx_seq_one_letter_code
;GSMKIDVVTIFPEYLQPVRQSLPGKAIDAGLVDVAVHDLRRWTHDVHKSVDDSPYGGGPGMVMKPTVWGDALDEICTSET
LLVVPTPAGYPFTQETAWQWSTEDHLVIACGRYEGIDQRVADDAATRMRVREVSIGDYVLNGGEAAALVIIEAVLRLVPG
VLGNALSAQEDSHSEGMASLLEGPSYTRPPSWRGMDVPPVLLSGDHAKIAAWRAEQSRQRTIERRPDLLGFDSPTGEHGG
DGLS
;
_entity_poly.pdbx_strand_id   A,B
#
loop_
_chem_comp.id
_chem_comp.type
_chem_comp.name
_chem_comp.formula
JQB non-polymer 5-azanyl-3-[1-[(2-oxidanylpyridin-3-yl)methyl]indol-6-yl]-1~{H}-pyrazole-4-carbonitrile 'C18 H14 N6 O'
SO4 non-polymer 'SULFATE ION' 'O4 S -2'
#
# COMPACT_ATOMS: atom_id res chain seq x y z
N SER A 2 -11.72 -3.80 -20.38
CA SER A 2 -11.96 -5.15 -19.84
C SER A 2 -10.67 -5.73 -19.29
N MET A 3 -10.59 -5.88 -17.97
CA MET A 3 -9.37 -6.35 -17.34
C MET A 3 -9.58 -7.61 -16.51
N LYS A 4 -8.69 -8.59 -16.70
CA LYS A 4 -8.61 -9.74 -15.82
C LYS A 4 -7.42 -9.58 -14.90
N ILE A 5 -7.63 -9.78 -13.61
CA ILE A 5 -6.53 -9.78 -12.67
C ILE A 5 -6.49 -11.11 -11.94
N ASP A 6 -5.37 -11.81 -12.04
CA ASP A 6 -5.14 -13.03 -11.27
C ASP A 6 -4.13 -12.75 -10.17
N VAL A 7 -4.44 -13.12 -8.94
CA VAL A 7 -3.51 -12.95 -7.84
C VAL A 7 -3.11 -14.32 -7.32
N VAL A 8 -1.80 -14.54 -7.14
CA VAL A 8 -1.32 -15.83 -6.62
C VAL A 8 -0.66 -15.59 -5.27
N THR A 9 -1.07 -16.36 -4.26
CA THR A 9 -0.69 -16.08 -2.87
C THR A 9 -0.85 -17.33 -2.02
N ILE A 10 -0.09 -17.43 -0.94
CA ILE A 10 -0.37 -18.51 0.02
C ILE A 10 -1.42 -18.10 1.03
N PHE A 11 -1.92 -16.87 0.94
CA PHE A 11 -2.99 -16.39 1.80
C PHE A 11 -4.15 -15.81 0.99
N PRO A 12 -4.87 -16.66 0.25
CA PRO A 12 -5.94 -16.11 -0.60
C PRO A 12 -7.01 -15.34 0.17
N GLU A 13 -7.24 -15.68 1.44
CA GLU A 13 -8.23 -14.97 2.23
C GLU A 13 -7.89 -13.48 2.39
N TYR A 14 -6.60 -13.15 2.29
CA TYR A 14 -6.16 -11.76 2.43
C TYR A 14 -6.71 -10.88 1.30
N LEU A 15 -7.07 -11.49 0.18
CA LEU A 15 -7.51 -10.72 -0.98
C LEU A 15 -9.03 -10.58 -0.98
N GLN A 16 -9.67 -11.05 0.08
CA GLN A 16 -11.12 -10.91 0.25
C GLN A 16 -11.63 -9.47 0.10
N PRO A 17 -10.89 -8.45 0.63
CA PRO A 17 -11.39 -7.08 0.45
C PRO A 17 -11.58 -6.66 -1.01
N VAL A 18 -10.79 -7.21 -1.92
CA VAL A 18 -10.90 -6.89 -3.33
C VAL A 18 -12.26 -7.30 -3.87
N ARG A 19 -12.59 -8.58 -3.67
CA ARG A 19 -13.87 -9.13 -4.13
C ARG A 19 -15.05 -8.37 -3.54
N GLN A 20 -14.86 -7.83 -2.33
CA GLN A 20 -15.93 -7.09 -1.66
C GLN A 20 -16.06 -5.66 -2.20
N SER A 21 -14.99 -5.13 -2.78
CA SER A 21 -15.01 -3.77 -3.27
CA SER A 21 -14.97 -3.77 -3.28
C SER A 21 -15.55 -3.67 -4.70
N LEU A 22 -15.64 -4.82 -5.38
CA LEU A 22 -16.10 -4.85 -6.78
C LEU A 22 -17.61 -4.77 -6.95
N PRO A 23 -18.10 -3.70 -7.58
CA PRO A 23 -19.52 -3.53 -7.95
C PRO A 23 -20.01 -4.60 -8.91
N GLY A 24 -21.19 -5.15 -8.63
CA GLY A 24 -21.76 -6.19 -9.47
C GLY A 24 -21.98 -5.75 -10.90
N LYS A 25 -22.32 -4.49 -11.08
CA LYS A 25 -22.56 -3.94 -12.41
C LYS A 25 -21.31 -4.00 -13.29
N ALA A 26 -20.15 -3.72 -12.71
CA ALA A 26 -18.89 -3.79 -13.46
C ALA A 26 -18.58 -5.23 -13.86
N ILE A 27 -18.85 -6.16 -12.95
CA ILE A 27 -18.60 -7.58 -13.21
C ILE A 27 -19.56 -8.11 -14.26
N ASP A 28 -20.85 -7.83 -14.08
CA ASP A 28 -21.87 -8.29 -15.03
C ASP A 28 -21.74 -7.61 -16.39
N ALA A 29 -21.12 -6.43 -16.40
CA ALA A 29 -20.83 -5.75 -17.67
C ALA A 29 -19.57 -6.32 -18.30
N GLY A 30 -18.91 -7.23 -17.58
CA GLY A 30 -17.69 -7.86 -18.05
C GLY A 30 -16.51 -6.91 -18.12
N LEU A 31 -16.53 -5.88 -17.29
CA LEU A 31 -15.48 -4.87 -17.26
C LEU A 31 -14.26 -5.36 -16.50
N VAL A 32 -14.48 -6.27 -15.56
CA VAL A 32 -13.42 -6.69 -14.66
C VAL A 32 -13.71 -8.05 -14.07
N ASP A 33 -12.65 -8.81 -13.84
CA ASP A 33 -12.74 -10.08 -13.14
C ASP A 33 -11.45 -10.22 -12.34
N VAL A 34 -11.58 -10.40 -11.03
CA VAL A 34 -10.42 -10.64 -10.17
C VAL A 34 -10.51 -12.05 -9.62
N ALA A 35 -9.49 -12.85 -9.89
CA ALA A 35 -9.44 -14.22 -9.39
C ALA A 35 -8.23 -14.41 -8.49
N VAL A 36 -8.44 -15.12 -7.39
CA VAL A 36 -7.37 -15.33 -6.41
C VAL A 36 -7.04 -16.81 -6.32
N HIS A 37 -5.76 -17.15 -6.40
CA HIS A 37 -5.32 -18.53 -6.46
C HIS A 37 -4.37 -18.85 -5.31
N ASP A 38 -4.61 -19.98 -4.66
CA ASP A 38 -3.72 -20.49 -3.62
C ASP A 38 -2.49 -21.12 -4.28
N LEU A 39 -1.32 -20.52 -4.02
CA LEU A 39 -0.06 -21.03 -4.57
C LEU A 39 0.12 -22.52 -4.28
N ARG A 40 -0.40 -22.99 -3.16
CA ARG A 40 -0.14 -24.39 -2.78
C ARG A 40 -0.80 -25.39 -3.73
N ARG A 41 -1.68 -24.91 -4.60
CA ARG A 41 -2.23 -25.77 -5.65
C ARG A 41 -1.15 -26.32 -6.57
N TRP A 42 0.01 -25.65 -6.61
CA TRP A 42 1.09 -26.02 -7.52
C TRP A 42 2.29 -26.62 -6.80
N THR A 43 2.13 -26.96 -5.51
CA THR A 43 3.22 -27.64 -4.80
C THR A 43 3.35 -29.09 -5.27
N HIS A 44 4.51 -29.68 -5.01
CA HIS A 44 4.86 -31.00 -5.55
C HIS A 44 4.76 -32.11 -4.54
N ASP A 45 4.74 -31.74 -3.26
CA ASP A 45 4.94 -32.71 -2.20
C ASP A 45 3.78 -32.73 -1.23
N VAL A 46 3.74 -33.79 -0.42
CA VAL A 46 2.61 -33.98 0.46
C VAL A 46 2.60 -32.91 1.57
N HIS A 47 3.75 -32.28 1.81
CA HIS A 47 3.83 -31.24 2.82
C HIS A 47 3.51 -29.86 2.25
N LYS A 48 3.19 -29.82 0.96
CA LYS A 48 2.84 -28.58 0.26
C LYS A 48 3.86 -27.47 0.51
N SER A 49 5.13 -27.79 0.24
CA SER A 49 6.22 -26.88 0.54
C SER A 49 6.31 -25.75 -0.47
N VAL A 50 6.41 -24.52 0.03
CA VAL A 50 6.55 -23.36 -0.85
C VAL A 50 7.85 -22.61 -0.62
N ASP A 51 8.64 -23.02 0.37
CA ASP A 51 9.86 -22.28 0.72
C ASP A 51 11.01 -23.22 1.05
N ASP A 52 12.23 -22.68 1.01
CA ASP A 52 13.43 -23.47 1.24
C ASP A 52 14.55 -22.52 1.67
N SER A 53 15.66 -23.06 2.15
CA SER A 53 16.73 -22.22 2.70
C SER A 53 17.47 -21.47 1.62
N PRO A 54 17.97 -20.27 1.95
CA PRO A 54 18.64 -19.44 0.94
C PRO A 54 20.05 -19.93 0.62
N TYR A 55 20.37 -20.03 -0.67
CA TYR A 55 21.76 -20.23 -1.07
C TYR A 55 22.61 -19.04 -0.61
N GLY A 56 23.80 -19.35 -0.10
CA GLY A 56 24.69 -18.31 0.40
C GLY A 56 24.42 -18.00 1.86
N GLY A 57 23.41 -18.65 2.42
CA GLY A 57 23.13 -18.53 3.85
C GLY A 57 22.36 -17.27 4.19
N GLY A 58 22.22 -17.02 5.49
CA GLY A 58 21.50 -15.85 5.95
C GLY A 58 20.15 -16.24 6.53
N PRO A 59 19.48 -15.26 7.14
CA PRO A 59 18.21 -15.52 7.82
C PRO A 59 17.07 -15.71 6.84
N GLY A 60 16.01 -16.35 7.31
CA GLY A 60 14.79 -16.43 6.54
C GLY A 60 14.81 -17.53 5.51
N MET A 61 13.77 -17.53 4.69
CA MET A 61 13.57 -18.54 3.68
C MET A 61 13.23 -17.89 2.35
N VAL A 62 13.37 -18.65 1.27
CA VAL A 62 13.12 -18.17 -0.08
C VAL A 62 12.04 -19.03 -0.74
N MET A 63 11.10 -18.42 -1.46
CA MET A 63 10.07 -19.24 -2.09
C MET A 63 10.62 -20.00 -3.30
N LYS A 64 10.19 -21.26 -3.41
CA LYS A 64 10.74 -22.21 -4.37
C LYS A 64 10.43 -21.86 -5.81
N PRO A 65 11.44 -21.90 -6.68
CA PRO A 65 11.16 -21.58 -8.09
C PRO A 65 10.28 -22.60 -8.81
N THR A 66 10.38 -23.87 -8.43
CA THR A 66 9.64 -24.90 -9.17
C THR A 66 8.12 -24.72 -8.98
N VAL A 67 7.71 -24.35 -7.78
CA VAL A 67 6.28 -24.16 -7.49
C VAL A 67 5.75 -22.94 -8.25
N TRP A 68 6.45 -21.82 -8.10
CA TRP A 68 6.05 -20.58 -8.78
C TRP A 68 6.10 -20.71 -10.30
N GLY A 69 7.11 -21.42 -10.80
CA GLY A 69 7.21 -21.66 -12.22
C GLY A 69 5.98 -22.34 -12.78
N ASP A 70 5.51 -23.38 -12.10
CA ASP A 70 4.33 -24.12 -12.53
C ASP A 70 3.09 -23.24 -12.46
N ALA A 71 2.97 -22.45 -11.40
CA ALA A 71 1.80 -21.59 -11.23
C ALA A 71 1.72 -20.56 -12.36
N LEU A 72 2.82 -19.88 -12.62
CA LEU A 72 2.83 -18.82 -13.63
C LEU A 72 2.70 -19.40 -15.04
N ASP A 73 3.24 -20.60 -15.26
CA ASP A 73 3.08 -21.28 -16.54
C ASP A 73 1.61 -21.47 -16.87
N GLU A 74 0.82 -21.84 -15.85
CA GLU A 74 -0.60 -22.10 -16.07
C GLU A 74 -1.41 -20.82 -16.24
N ILE A 75 -1.07 -19.80 -15.46
CA ILE A 75 -1.87 -18.58 -15.37
CA ILE A 75 -1.89 -18.59 -15.39
C ILE A 75 -1.52 -17.54 -16.43
N CYS A 76 -0.22 -17.41 -16.75
CA CYS A 76 0.20 -16.36 -17.65
C CYS A 76 0.19 -16.75 -19.11
N THR A 77 0.06 -15.73 -19.96
CA THR A 77 0.30 -15.90 -21.38
C THR A 77 1.34 -14.87 -21.80
N SER A 78 1.65 -14.86 -23.10
CA SER A 78 2.62 -13.89 -23.62
C SER A 78 2.13 -12.45 -23.43
N GLU A 79 0.82 -12.26 -23.28
CA GLU A 79 0.24 -10.93 -23.20
C GLU A 79 0.11 -10.41 -21.76
N THR A 80 0.37 -11.29 -20.81
CA THR A 80 0.27 -10.96 -19.40
C THR A 80 1.26 -9.89 -18.99
N LEU A 81 0.81 -8.96 -18.14
CA LEU A 81 1.72 -8.09 -17.42
C LEU A 81 1.90 -8.72 -16.04
N LEU A 82 3.09 -9.26 -15.77
CA LEU A 82 3.35 -9.91 -14.50
C LEU A 82 3.90 -8.91 -13.51
N VAL A 83 3.16 -8.73 -12.43
CA VAL A 83 3.49 -7.74 -11.41
C VAL A 83 4.02 -8.48 -10.19
N VAL A 84 5.21 -8.12 -9.74
CA VAL A 84 5.83 -8.78 -8.60
C VAL A 84 6.17 -7.77 -7.52
N PRO A 85 5.31 -7.65 -6.50
CA PRO A 85 5.65 -6.78 -5.39
C PRO A 85 6.93 -7.22 -4.70
N THR A 86 7.76 -6.25 -4.34
CA THR A 86 9.00 -6.52 -3.63
C THR A 86 9.53 -5.21 -3.05
N PRO A 87 10.12 -5.28 -1.87
CA PRO A 87 10.68 -4.05 -1.31
C PRO A 87 11.85 -3.51 -2.15
N ALA A 88 12.40 -4.33 -3.04
CA ALA A 88 13.48 -3.89 -3.93
C ALA A 88 12.98 -3.47 -5.29
N GLY A 89 11.67 -3.25 -5.43
CA GLY A 89 11.11 -2.94 -6.73
C GLY A 89 11.26 -1.48 -7.16
N TYR A 90 11.03 -1.25 -8.44
CA TYR A 90 10.82 0.11 -8.93
C TYR A 90 9.61 0.72 -8.21
N PRO A 91 9.59 2.04 -8.00
CA PRO A 91 8.44 2.64 -7.32
C PRO A 91 7.14 2.52 -8.10
N PHE A 92 6.10 2.04 -7.43
CA PHE A 92 4.76 2.07 -7.99
C PHE A 92 4.18 3.43 -7.71
N THR A 93 3.81 4.15 -8.77
CA THR A 93 3.26 5.49 -8.63
C THR A 93 1.97 5.64 -9.41
N GLN A 94 1.37 6.82 -9.33
CA GLN A 94 0.15 7.06 -10.05
C GLN A 94 0.34 6.89 -11.56
N GLU A 95 1.52 7.25 -12.06
CA GLU A 95 1.83 7.04 -13.47
C GLU A 95 1.77 5.55 -13.82
N THR A 96 2.31 4.73 -12.93
CA THR A 96 2.28 3.28 -13.11
C THR A 96 0.83 2.79 -13.17
N ALA A 97 0.04 3.27 -12.21
CA ALA A 97 -1.37 2.87 -12.15
C ALA A 97 -2.11 3.23 -13.44
N TRP A 98 -1.88 4.44 -13.95
CA TRP A 98 -2.49 4.85 -15.21
C TRP A 98 -2.07 3.92 -16.35
N GLN A 99 -0.79 3.61 -16.42
CA GLN A 99 -0.29 2.76 -17.51
C GLN A 99 -0.92 1.37 -17.44
N TRP A 100 -1.02 0.82 -16.23
CA TRP A 100 -1.53 -0.54 -16.09
C TRP A 100 -3.05 -0.62 -16.25
N SER A 101 -3.73 0.50 -16.14
CA SER A 101 -5.20 0.52 -16.19
C SER A 101 -5.78 0.10 -17.54
N THR A 102 -4.95 0.06 -18.58
CA THR A 102 -5.44 -0.32 -19.89
C THR A 102 -4.99 -1.73 -20.29
N GLU A 103 -4.32 -2.43 -19.37
CA GLU A 103 -3.91 -3.81 -19.62
C GLU A 103 -5.08 -4.77 -19.65
N ASP A 104 -4.96 -5.81 -20.47
CA ASP A 104 -5.98 -6.84 -20.56
C ASP A 104 -5.86 -7.85 -19.41
N HIS A 105 -4.63 -8.13 -19.00
CA HIS A 105 -4.38 -9.19 -18.04
C HIS A 105 -3.21 -8.86 -17.13
N LEU A 106 -3.50 -8.64 -15.85
CA LEU A 106 -2.44 -8.49 -14.85
C LEU A 106 -2.40 -9.75 -14.00
N VAL A 107 -1.21 -10.25 -13.74
CA VAL A 107 -1.02 -11.33 -12.78
C VAL A 107 -0.12 -10.79 -11.69
N ILE A 108 -0.58 -10.89 -10.45
CA ILE A 108 0.19 -10.37 -9.33
C ILE A 108 0.68 -11.54 -8.51
N ALA A 109 2.00 -11.70 -8.47
CA ALA A 109 2.64 -12.80 -7.76
C ALA A 109 3.06 -12.34 -6.37
N CYS A 110 2.31 -12.75 -5.36
CA CYS A 110 2.58 -12.32 -3.98
C CYS A 110 3.53 -13.22 -3.24
N GLY A 111 4.70 -12.70 -2.89
CA GLY A 111 5.65 -13.46 -2.10
C GLY A 111 5.41 -13.36 -0.62
N ARG A 112 6.07 -14.25 0.11
CA ARG A 112 6.18 -14.19 1.56
C ARG A 112 7.63 -14.55 1.89
N TYR A 113 7.92 -14.72 3.19
CA TYR A 113 9.29 -15.00 3.65
C TYR A 113 10.24 -13.91 3.15
N GLU A 114 11.38 -14.28 2.57
CA GLU A 114 12.33 -13.29 2.08
C GLU A 114 12.11 -12.92 0.62
N GLY A 115 11.13 -13.56 0.00
CA GLY A 115 10.81 -13.26 -1.38
C GLY A 115 10.88 -14.51 -2.23
N ILE A 116 10.82 -14.32 -3.54
CA ILE A 116 10.75 -15.42 -4.50
C ILE A 116 12.10 -15.59 -5.18
N ASP A 117 12.55 -16.84 -5.35
CA ASP A 117 13.77 -17.12 -6.09
C ASP A 117 13.79 -16.26 -7.38
N GLN A 118 14.89 -15.55 -7.60
CA GLN A 118 14.96 -14.54 -8.67
C GLN A 118 14.78 -15.15 -10.06
N ARG A 119 15.05 -16.45 -10.20
CA ARG A 119 14.93 -17.05 -11.53
C ARG A 119 13.49 -17.09 -12.01
N VAL A 120 12.52 -17.02 -11.09
CA VAL A 120 11.12 -17.04 -11.49
C VAL A 120 10.80 -15.82 -12.35
N ALA A 121 11.11 -14.62 -11.84
CA ALA A 121 10.88 -13.39 -12.60
C ALA A 121 11.78 -13.34 -13.83
N ASP A 122 13.03 -13.75 -13.68
CA ASP A 122 13.97 -13.69 -14.80
C ASP A 122 13.52 -14.62 -15.95
N ASP A 123 13.09 -15.83 -15.63
CA ASP A 123 12.53 -16.72 -16.64
C ASP A 123 11.26 -16.13 -17.27
N ALA A 124 10.34 -15.64 -16.43
CA ALA A 124 9.11 -15.06 -16.98
C ALA A 124 9.40 -13.91 -17.95
N ALA A 125 10.42 -13.12 -17.63
CA ALA A 125 10.77 -11.95 -18.42
C ALA A 125 11.29 -12.28 -19.81
N THR A 126 11.59 -13.56 -20.06
CA THR A 126 12.02 -13.97 -21.40
C THR A 126 10.82 -14.20 -22.32
N ARG A 127 9.61 -14.19 -21.79
CA ARG A 127 8.46 -14.40 -22.69
C ARG A 127 7.23 -13.55 -22.38
N MET A 128 7.33 -12.70 -21.36
CA MET A 128 6.25 -11.74 -21.07
C MET A 128 6.83 -10.50 -20.41
N ARG A 129 6.01 -9.46 -20.28
CA ARG A 129 6.43 -8.25 -19.60
C ARG A 129 6.35 -8.43 -18.09
N VAL A 130 7.45 -8.17 -17.40
CA VAL A 130 7.50 -8.36 -15.96
C VAL A 130 7.85 -7.05 -15.28
N ARG A 131 7.18 -6.75 -14.18
CA ARG A 131 7.41 -5.52 -13.42
C ARG A 131 7.56 -5.81 -11.92
N GLU A 132 8.78 -5.63 -11.41
CA GLU A 132 9.03 -5.68 -9.98
C GLU A 132 8.82 -4.29 -9.41
N VAL A 133 7.89 -4.16 -8.47
CA VAL A 133 7.53 -2.84 -7.95
C VAL A 133 7.38 -2.84 -6.45
N SER A 134 7.59 -1.66 -5.87
CA SER A 134 7.38 -1.44 -4.44
C SER A 134 6.35 -0.35 -4.23
N ILE A 135 5.43 -0.55 -3.28
CA ILE A 135 4.42 0.48 -3.02
C ILE A 135 4.86 1.58 -2.03
N GLY A 136 6.06 1.49 -1.46
CA GLY A 136 6.51 2.52 -0.53
C GLY A 136 7.74 2.11 0.26
N ASP A 137 8.28 3.07 1.01
CA ASP A 137 9.54 2.86 1.68
C ASP A 137 9.39 2.38 3.11
N TYR A 138 8.86 1.17 3.22
CA TYR A 138 8.62 0.48 4.47
C TYR A 138 8.64 -0.99 4.09
N VAL A 139 8.81 -1.85 5.09
CA VAL A 139 8.86 -3.28 4.86
C VAL A 139 7.60 -3.96 5.36
N LEU A 140 6.99 -4.76 4.48
CA LEU A 140 5.82 -5.56 4.81
C LEU A 140 6.23 -7.02 5.05
N ASN A 141 5.29 -7.87 5.46
CA ASN A 141 5.58 -9.30 5.61
C ASN A 141 5.48 -10.08 4.30
N GLY A 142 4.83 -9.50 3.30
CA GLY A 142 4.60 -10.20 2.05
C GLY A 142 3.92 -9.29 1.07
N GLY A 143 3.62 -9.83 -0.11
CA GLY A 143 3.10 -9.02 -1.19
C GLY A 143 1.61 -8.74 -1.20
N GLU A 144 0.85 -9.38 -0.29
CA GLU A 144 -0.62 -9.29 -0.32
C GLU A 144 -1.15 -7.88 -0.09
N ALA A 145 -0.63 -7.19 0.91
CA ALA A 145 -1.10 -5.82 1.15
C ALA A 145 -0.74 -4.92 -0.03
N ALA A 146 0.41 -5.18 -0.64
CA ALA A 146 0.82 -4.41 -1.81
C ALA A 146 -0.12 -4.69 -2.98
N ALA A 147 -0.53 -5.95 -3.13
CA ALA A 147 -1.50 -6.30 -4.18
C ALA A 147 -2.81 -5.55 -3.98
N LEU A 148 -3.27 -5.44 -2.73
CA LEU A 148 -4.53 -4.71 -2.45
C LEU A 148 -4.41 -3.26 -2.90
N VAL A 149 -3.27 -2.66 -2.57
CA VAL A 149 -3.03 -1.26 -2.93
C VAL A 149 -2.97 -1.09 -4.45
N ILE A 150 -2.19 -1.94 -5.11
CA ILE A 150 -2.06 -1.88 -6.57
C ILE A 150 -3.41 -2.09 -7.26
N ILE A 151 -4.16 -3.10 -6.84
CA ILE A 151 -5.46 -3.37 -7.46
C ILE A 151 -6.38 -2.17 -7.29
N GLU A 152 -6.43 -1.59 -6.09
CA GLU A 152 -7.32 -0.45 -5.87
C GLU A 152 -6.88 0.76 -6.72
N ALA A 153 -5.59 1.05 -6.73
CA ALA A 153 -5.10 2.22 -7.46
C ALA A 153 -5.31 2.07 -8.97
N VAL A 154 -5.17 0.83 -9.47
CA VAL A 154 -5.34 0.59 -10.90
C VAL A 154 -6.83 0.58 -11.28
N LEU A 155 -7.63 -0.16 -10.53
CA LEU A 155 -9.04 -0.35 -10.93
C LEU A 155 -9.86 0.91 -10.80
N ARG A 156 -9.48 1.82 -9.90
CA ARG A 156 -10.25 3.05 -9.77
C ARG A 156 -10.05 3.95 -10.99
N LEU A 157 -9.07 3.61 -11.84
CA LEU A 157 -8.81 4.33 -13.07
C LEU A 157 -9.47 3.68 -14.29
N VAL A 158 -10.02 2.48 -14.10
CA VAL A 158 -10.76 1.82 -15.18
C VAL A 158 -12.21 2.26 -15.10
N PRO A 159 -12.68 2.95 -16.16
CA PRO A 159 -14.01 3.57 -16.19
C PRO A 159 -15.12 2.66 -15.67
N GLY A 160 -15.74 3.07 -14.57
CA GLY A 160 -16.90 2.38 -14.03
C GLY A 160 -16.67 1.07 -13.31
N VAL A 161 -15.45 0.83 -12.84
CA VAL A 161 -15.19 -0.43 -12.17
C VAL A 161 -15.41 -0.34 -10.66
N LEU A 162 -14.77 0.60 -9.96
CA LEU A 162 -14.88 0.64 -8.50
C LEU A 162 -15.99 1.56 -7.98
N GLY A 163 -16.78 2.11 -8.90
CA GLY A 163 -17.84 3.03 -8.52
C GLY A 163 -17.35 4.46 -8.41
N SER A 179 3.59 17.06 -8.37
CA SER A 179 2.95 18.36 -8.47
C SER A 179 2.83 19.02 -7.10
N LEU A 180 1.61 19.20 -6.63
CA LEU A 180 1.35 19.79 -5.32
C LEU A 180 0.34 18.97 -4.55
N LEU A 181 0.44 19.01 -3.23
CA LEU A 181 -0.53 18.35 -2.37
C LEU A 181 -1.85 19.10 -2.33
N GLU A 182 -2.95 18.38 -2.17
CA GLU A 182 -4.25 19.00 -1.98
C GLU A 182 -4.32 19.63 -0.60
N GLY A 183 -4.90 20.81 -0.51
CA GLY A 183 -5.05 21.48 0.77
C GLY A 183 -6.28 20.97 1.51
N PRO A 184 -6.59 21.59 2.65
CA PRO A 184 -7.72 21.17 3.48
C PRO A 184 -9.06 21.32 2.80
N SER A 185 -9.99 20.43 3.19
CA SER A 185 -11.37 20.44 2.68
C SER A 185 -12.34 20.62 3.83
N TYR A 186 -13.49 21.24 3.54
CA TYR A 186 -14.49 21.53 4.56
C TYR A 186 -15.89 21.26 4.04
N THR A 187 -16.79 20.85 4.92
CA THR A 187 -18.22 20.80 4.56
C THR A 187 -19.04 21.18 5.79
N ARG A 188 -20.35 20.99 5.72
CA ARG A 188 -21.24 21.35 6.83
C ARG A 188 -20.89 20.60 8.12
N PRO A 189 -21.10 21.25 9.26
CA PRO A 189 -21.69 22.58 9.47
C PRO A 189 -20.66 23.70 9.37
N PRO A 190 -21.09 24.94 9.15
CA PRO A 190 -20.16 26.06 8.99
C PRO A 190 -19.32 26.34 10.25
N SER A 191 -19.85 25.96 11.41
CA SER A 191 -19.10 26.08 12.66
CA SER A 191 -19.12 26.09 12.67
C SER A 191 -19.21 24.78 13.44
N TRP A 192 -18.07 24.30 13.94
CA TRP A 192 -18.04 23.03 14.66
C TRP A 192 -16.94 23.04 15.70
N ARG A 193 -17.32 22.81 16.96
CA ARG A 193 -16.39 22.77 18.08
C ARG A 193 -15.47 23.98 18.09
N GLY A 194 -16.05 25.15 17.82
CA GLY A 194 -15.32 26.40 17.90
C GLY A 194 -14.52 26.72 16.66
N MET A 195 -14.66 25.89 15.63
CA MET A 195 -13.88 26.08 14.41
C MET A 195 -14.77 26.39 13.21
N ASP A 196 -14.59 27.59 12.65
CA ASP A 196 -15.36 28.04 11.51
C ASP A 196 -14.69 27.64 10.22
N VAL A 197 -15.48 27.29 9.22
CA VAL A 197 -14.94 27.07 7.88
C VAL A 197 -14.34 28.40 7.41
N PRO A 198 -13.16 28.36 6.76
CA PRO A 198 -12.54 29.61 6.27
C PRO A 198 -13.53 30.46 5.45
N PRO A 199 -13.76 31.70 5.87
CA PRO A 199 -14.81 32.51 5.25
C PRO A 199 -14.66 32.71 3.75
N VAL A 200 -13.44 32.68 3.24
CA VAL A 200 -13.24 32.83 1.80
C VAL A 200 -14.04 31.77 1.02
N LEU A 201 -14.19 30.58 1.60
CA LEU A 201 -14.88 29.50 0.90
C LEU A 201 -16.38 29.78 0.74
N LEU A 202 -16.91 30.68 1.56
CA LEU A 202 -18.34 31.02 1.47
C LEU A 202 -18.55 32.38 0.81
N SER A 203 -17.51 32.93 0.18
CA SER A 203 -17.52 34.31 -0.32
C SER A 203 -18.17 34.47 -1.68
N GLY A 204 -18.29 33.38 -2.43
CA GLY A 204 -18.77 33.48 -3.79
C GLY A 204 -17.81 34.15 -4.76
N ASP A 205 -16.57 34.34 -4.32
CA ASP A 205 -15.53 34.88 -5.20
C ASP A 205 -14.66 33.73 -5.63
N HIS A 206 -14.96 33.14 -6.77
CA HIS A 206 -14.34 31.86 -7.09
C HIS A 206 -12.90 31.98 -7.56
N ALA A 207 -12.51 33.15 -8.08
CA ALA A 207 -11.10 33.36 -8.37
C ALA A 207 -10.30 33.45 -7.07
N LYS A 208 -10.85 34.14 -6.08
CA LYS A 208 -10.17 34.25 -4.79
C LYS A 208 -10.08 32.90 -4.08
N ILE A 209 -11.16 32.12 -4.17
CA ILE A 209 -11.17 30.78 -3.59
C ILE A 209 -10.08 29.93 -4.22
N ALA A 210 -9.96 29.99 -5.55
CA ALA A 210 -8.92 29.21 -6.22
C ALA A 210 -7.52 29.63 -5.76
N ALA A 211 -7.32 30.94 -5.59
CA ALA A 211 -6.01 31.44 -5.15
C ALA A 211 -5.73 31.01 -3.71
N TRP A 212 -6.75 31.02 -2.87
CA TRP A 212 -6.59 30.59 -1.49
C TRP A 212 -6.22 29.11 -1.45
N ARG A 213 -6.90 28.31 -2.25
CA ARG A 213 -6.61 26.88 -2.32
C ARG A 213 -5.21 26.63 -2.84
N ALA A 214 -4.77 27.41 -3.82
CA ALA A 214 -3.44 27.24 -4.39
C ALA A 214 -2.39 27.52 -3.33
N GLU A 215 -2.61 28.57 -2.55
CA GLU A 215 -1.66 28.92 -1.49
C GLU A 215 -1.64 27.85 -0.40
N GLN A 216 -2.82 27.33 -0.05
CA GLN A 216 -2.89 26.27 0.94
C GLN A 216 -2.12 25.04 0.47
N SER A 217 -2.25 24.72 -0.81
CA SER A 217 -1.54 23.61 -1.42
CA SER A 217 -1.53 23.61 -1.41
C SER A 217 -0.03 23.84 -1.38
N ARG A 218 0.39 25.07 -1.70
CA ARG A 218 1.81 25.40 -1.69
C ARG A 218 2.38 25.25 -0.28
N GLN A 219 1.68 25.81 0.70
CA GLN A 219 2.13 25.72 2.09
C GLN A 219 2.21 24.27 2.60
N ARG A 220 1.18 23.48 2.32
CA ARG A 220 1.16 22.10 2.77
C ARG A 220 2.27 21.30 2.11
N THR A 221 2.54 21.57 0.84
CA THR A 221 3.57 20.83 0.11
C THR A 221 4.96 21.16 0.69
N ILE A 222 5.24 22.44 0.92
CA ILE A 222 6.50 22.84 1.55
C ILE A 222 6.68 22.16 2.90
N GLU A 223 5.61 22.09 3.68
CA GLU A 223 5.68 21.52 5.02
C GLU A 223 5.81 19.99 5.03
N ARG A 224 5.06 19.31 4.17
CA ARG A 224 4.94 17.85 4.26
C ARG A 224 5.75 17.09 3.23
N ARG A 225 5.97 17.72 2.07
CA ARG A 225 6.63 17.05 0.95
C ARG A 225 7.57 17.98 0.21
N PRO A 226 8.58 18.53 0.91
CA PRO A 226 9.50 19.47 0.24
C PRO A 226 10.22 18.83 -0.95
N ASP A 227 10.26 17.50 -0.99
CA ASP A 227 10.88 16.77 -2.10
C ASP A 227 10.16 17.03 -3.42
N LEU A 228 8.89 17.39 -3.36
CA LEU A 228 8.09 17.64 -4.57
C LEU A 228 8.40 19.01 -5.16
N LEU A 229 9.34 19.73 -4.54
CA LEU A 229 9.70 21.07 -4.99
C LEU A 229 11.16 21.12 -5.40
N SER B 2 3.05 -3.92 24.43
CA SER B 2 1.61 -4.16 24.26
C SER B 2 0.95 -2.99 23.53
N MET B 3 0.26 -3.29 22.43
CA MET B 3 -0.36 -2.26 21.62
C MET B 3 -1.83 -2.54 21.32
N LYS B 4 -2.65 -1.50 21.40
CA LYS B 4 -4.01 -1.57 20.94
C LYS B 4 -4.17 -0.75 19.67
N ILE B 5 -4.81 -1.31 18.65
CA ILE B 5 -5.11 -0.55 17.44
C ILE B 5 -6.60 -0.57 17.18
N ASP B 6 -7.19 0.62 17.08
CA ASP B 6 -8.59 0.77 16.69
C ASP B 6 -8.66 1.37 15.30
N VAL B 7 -9.44 0.74 14.42
CA VAL B 7 -9.61 1.27 13.07
C VAL B 7 -11.06 1.70 12.91
N VAL B 8 -11.27 2.92 12.44
CA VAL B 8 -12.64 3.45 12.28
C VAL B 8 -12.92 3.67 10.80
N THR B 9 -14.02 3.10 10.30
CA THR B 9 -14.27 3.05 8.87
C THR B 9 -15.75 2.92 8.58
N ILE B 10 -16.20 3.39 7.42
CA ILE B 10 -17.58 3.11 7.02
C ILE B 10 -17.67 1.81 6.23
N PHE B 11 -16.51 1.18 6.00
CA PHE B 11 -16.45 -0.11 5.34
C PHE B 11 -15.71 -1.14 6.19
N PRO B 12 -16.28 -1.51 7.35
CA PRO B 12 -15.58 -2.45 8.24
C PRO B 12 -15.32 -3.80 7.59
N GLU B 13 -16.15 -4.16 6.61
CA GLU B 13 -16.00 -5.41 5.88
C GLU B 13 -14.62 -5.51 5.21
N TYR B 14 -14.07 -4.38 4.80
CA TYR B 14 -12.80 -4.39 4.08
CA TYR B 14 -12.79 -4.35 4.10
C TYR B 14 -11.64 -4.76 5.01
N LEU B 15 -11.73 -4.44 6.29
CA LEU B 15 -10.61 -4.66 7.21
C LEU B 15 -10.42 -6.10 7.67
N GLN B 16 -11.23 -7.02 7.15
CA GLN B 16 -11.21 -8.44 7.54
C GLN B 16 -9.83 -9.13 7.58
N PRO B 17 -8.88 -8.80 6.69
CA PRO B 17 -7.59 -9.49 6.77
C PRO B 17 -6.83 -9.38 8.11
N VAL B 18 -7.36 -8.63 9.09
CA VAL B 18 -6.70 -8.55 10.38
C VAL B 18 -7.00 -9.80 11.20
N GLY B 30 -0.90 -12.22 21.50
CA GLY B 30 -1.62 -11.50 22.54
C GLY B 30 -0.94 -10.22 22.96
N LEU B 31 0.12 -9.83 22.25
CA LEU B 31 0.85 -8.61 22.56
C LEU B 31 0.21 -7.41 21.86
N VAL B 32 -0.72 -7.70 20.96
CA VAL B 32 -1.43 -6.64 20.24
C VAL B 32 -2.87 -7.05 19.91
N ASP B 33 -3.79 -6.12 20.09
CA ASP B 33 -5.18 -6.33 19.73
C ASP B 33 -5.61 -5.29 18.71
N VAL B 34 -6.33 -5.74 17.69
CA VAL B 34 -6.85 -4.84 16.66
C VAL B 34 -8.38 -4.93 16.66
N ALA B 35 -9.03 -3.77 16.76
CA ALA B 35 -10.48 -3.71 16.73
C ALA B 35 -10.94 -2.80 15.59
N VAL B 36 -12.00 -3.19 14.90
CA VAL B 36 -12.52 -2.42 13.78
C VAL B 36 -13.92 -1.89 14.14
N HIS B 37 -14.13 -0.60 13.89
CA HIS B 37 -15.38 0.06 14.26
C HIS B 37 -16.08 0.67 13.05
N ASP B 38 -17.38 0.38 12.92
CA ASP B 38 -18.22 0.99 11.90
C ASP B 38 -18.58 2.41 12.31
N LEU B 39 -18.09 3.39 11.56
CA LEU B 39 -18.33 4.80 11.86
C LEU B 39 -19.82 5.12 11.96
N ARG B 40 -20.64 4.40 11.19
CA ARG B 40 -22.07 4.69 11.13
C ARG B 40 -22.78 4.40 12.46
N ARG B 41 -22.09 3.73 13.38
CA ARG B 41 -22.64 3.47 14.71
C ARG B 41 -22.84 4.76 15.51
N TRP B 42 -22.21 5.84 15.06
CA TRP B 42 -22.24 7.10 15.79
C TRP B 42 -23.15 8.15 15.15
N THR B 43 -23.85 7.78 14.09
CA THR B 43 -24.76 8.72 13.43
C THR B 43 -26.09 8.80 14.18
N SER B 49 -26.55 10.52 6.83
CA SER B 49 -25.65 10.95 5.77
C SER B 49 -24.34 11.48 6.36
N VAL B 50 -23.24 10.78 6.06
CA VAL B 50 -21.95 11.14 6.64
C VAL B 50 -21.14 12.13 5.79
N ASP B 51 -21.67 12.53 4.64
CA ASP B 51 -20.90 13.35 3.69
C ASP B 51 -21.75 14.46 3.09
N ASP B 52 -21.11 15.54 2.65
CA ASP B 52 -21.82 16.58 1.90
C ASP B 52 -20.86 17.28 0.95
N SER B 53 -21.39 18.16 0.10
CA SER B 53 -20.56 18.85 -0.89
C SER B 53 -19.56 19.78 -0.22
N PRO B 54 -18.41 20.00 -0.86
CA PRO B 54 -17.39 20.84 -0.22
C PRO B 54 -17.72 22.31 -0.22
N TYR B 55 -17.46 22.99 0.89
CA TYR B 55 -17.53 24.43 0.89
C TYR B 55 -16.51 24.95 -0.10
N GLY B 56 -16.90 25.96 -0.87
CA GLY B 56 -16.02 26.50 -1.88
C GLY B 56 -16.14 25.81 -3.22
N GLY B 57 -16.87 24.70 -3.26
CA GLY B 57 -17.04 23.98 -4.52
C GLY B 57 -15.97 22.95 -4.80
N GLY B 58 -16.12 22.27 -5.92
CA GLY B 58 -15.18 21.23 -6.30
C GLY B 58 -15.92 19.92 -6.46
N PRO B 59 -15.23 18.92 -7.02
CA PRO B 59 -15.90 17.65 -7.28
C PRO B 59 -16.00 16.80 -6.01
N GLY B 60 -17.00 15.93 -5.99
CA GLY B 60 -17.10 14.94 -4.94
C GLY B 60 -17.65 15.45 -3.64
N MET B 61 -17.40 14.67 -2.59
CA MET B 61 -18.02 14.91 -1.31
C MET B 61 -16.96 14.83 -0.23
N VAL B 62 -17.23 15.48 0.90
CA VAL B 62 -16.34 15.51 2.03
C VAL B 62 -17.06 14.90 3.22
N MET B 63 -16.36 14.09 4.02
CA MET B 63 -17.02 13.55 5.22
C MET B 63 -17.20 14.65 6.28
N LYS B 64 -18.42 14.73 6.80
CA LYS B 64 -18.76 15.72 7.81
C LYS B 64 -17.98 15.47 9.10
N PRO B 65 -17.62 16.55 9.82
CA PRO B 65 -16.83 16.35 11.05
C PRO B 65 -17.65 15.80 12.21
N THR B 66 -18.95 16.03 12.18
CA THR B 66 -19.80 15.73 13.32
C THR B 66 -19.71 14.27 13.76
N VAL B 67 -19.89 13.35 12.82
CA VAL B 67 -19.89 11.93 13.14
C VAL B 67 -18.52 11.47 13.61
N TRP B 68 -17.49 11.99 12.96
CA TRP B 68 -16.12 11.65 13.32
C TRP B 68 -15.80 12.10 14.75
N GLY B 69 -16.26 13.29 15.10
CA GLY B 69 -16.03 13.85 16.44
C GLY B 69 -16.60 12.95 17.52
N ASP B 70 -17.81 12.47 17.30
CA ASP B 70 -18.45 11.60 18.27
C ASP B 70 -17.74 10.25 18.41
N ALA B 71 -17.37 9.65 17.28
CA ALA B 71 -16.65 8.39 17.29
C ALA B 71 -15.33 8.52 18.02
N LEU B 72 -14.55 9.54 17.65
CA LEU B 72 -13.21 9.70 18.20
C LEU B 72 -13.24 10.09 19.69
N ASP B 73 -14.26 10.85 20.09
CA ASP B 73 -14.48 11.15 21.51
C ASP B 73 -14.51 9.88 22.36
N GLU B 74 -15.21 8.87 21.87
CA GLU B 74 -15.40 7.62 22.62
C GLU B 74 -14.16 6.73 22.57
N ILE B 75 -13.47 6.72 21.44
CA ILE B 75 -12.41 5.76 21.21
C ILE B 75 -11.05 6.27 21.71
N CYS B 76 -10.80 7.56 21.53
CA CYS B 76 -9.49 8.11 21.83
C CYS B 76 -9.33 8.62 23.26
N THR B 77 -8.07 8.65 23.71
CA THR B 77 -7.71 9.35 24.93
C THR B 77 -6.57 10.31 24.61
N SER B 78 -6.12 11.06 25.62
CA SER B 78 -5.01 11.98 25.43
C SER B 78 -3.72 11.27 25.05
N GLU B 79 -3.63 9.97 25.34
CA GLU B 79 -2.44 9.18 25.03
C GLU B 79 -2.44 8.59 23.62
N THR B 80 -3.59 8.66 22.97
CA THR B 80 -3.77 8.09 21.64
C THR B 80 -2.93 8.78 20.59
N LEU B 81 -2.34 7.99 19.70
CA LEU B 81 -1.80 8.51 18.47
C LEU B 81 -2.84 8.33 17.38
N LEU B 82 -3.43 9.43 16.93
CA LEU B 82 -4.44 9.38 15.88
C LEU B 82 -3.78 9.43 14.51
N VAL B 83 -3.96 8.36 13.75
CA VAL B 83 -3.38 8.23 12.41
C VAL B 83 -4.45 8.45 11.36
N VAL B 84 -4.21 9.38 10.45
CA VAL B 84 -5.19 9.68 9.41
C VAL B 84 -4.56 9.51 8.03
N PRO B 85 -4.82 8.38 7.37
CA PRO B 85 -4.32 8.20 6.00
C PRO B 85 -4.90 9.26 5.07
N THR B 86 -4.07 9.82 4.20
CA THR B 86 -4.50 10.84 3.25
C THR B 86 -3.45 10.99 2.17
N PRO B 87 -3.86 11.23 0.92
CA PRO B 87 -2.86 11.40 -0.14
C PRO B 87 -2.00 12.63 0.10
N ALA B 88 -2.48 13.56 0.93
CA ALA B 88 -1.76 14.78 1.21
C ALA B 88 -0.97 14.72 2.51
N GLY B 89 -0.75 13.50 3.01
CA GLY B 89 -0.07 13.35 4.29
C GLY B 89 1.45 13.44 4.24
N TYR B 90 2.07 13.56 5.40
CA TYR B 90 3.51 13.31 5.52
C TYR B 90 3.78 11.88 5.07
N PRO B 91 4.96 11.61 4.50
CA PRO B 91 5.24 10.23 4.07
C PRO B 91 5.29 9.25 5.25
N PHE B 92 4.60 8.13 5.12
CA PHE B 92 4.76 7.01 6.03
C PHE B 92 5.92 6.16 5.54
N THR B 93 6.96 6.03 6.37
CA THR B 93 8.15 5.31 5.98
C THR B 93 8.56 4.31 7.05
N GLN B 94 9.62 3.56 6.79
CA GLN B 94 10.10 2.61 7.78
C GLN B 94 10.45 3.31 9.10
N GLU B 95 10.97 4.53 9.03
CA GLU B 95 11.26 5.27 10.25
C GLU B 95 9.96 5.53 11.04
N THR B 96 8.89 5.89 10.33
CA THR B 96 7.60 6.07 10.97
C THR B 96 7.14 4.79 11.65
N ALA B 97 7.31 3.66 10.95
CA ALA B 97 6.91 2.37 11.51
C ALA B 97 7.67 2.08 12.81
N TRP B 98 8.99 2.32 12.82
CA TRP B 98 9.76 2.16 14.06
C TRP B 98 9.25 3.08 15.17
N GLN B 99 8.93 4.32 14.82
CA GLN B 99 8.47 5.28 15.82
C GLN B 99 7.16 4.82 16.44
N TRP B 100 6.25 4.33 15.61
CA TRP B 100 4.92 3.98 16.11
C TRP B 100 4.89 2.62 16.80
N SER B 101 5.95 1.83 16.60
CA SER B 101 5.99 0.47 17.11
C SER B 101 5.96 0.40 18.64
N THR B 102 6.31 1.50 19.31
CA THR B 102 6.33 1.49 20.77
C THR B 102 5.14 2.26 21.36
N GLU B 103 4.15 2.59 20.53
CA GLU B 103 2.95 3.25 21.02
C GLU B 103 2.01 2.28 21.73
N ASP B 104 1.32 2.77 22.75
CA ASP B 104 0.33 1.97 23.45
C ASP B 104 -0.98 1.86 22.68
N HIS B 105 -1.34 2.93 21.98
CA HIS B 105 -2.68 3.03 21.37
C HIS B 105 -2.66 3.81 20.05
N LEU B 106 -2.94 3.12 18.95
CA LEU B 106 -3.09 3.73 17.64
C LEU B 106 -4.56 3.73 17.28
N VAL B 107 -5.06 4.87 16.81
CA VAL B 107 -6.40 4.90 16.24
C VAL B 107 -6.26 5.34 14.79
N ILE B 108 -6.77 4.54 13.87
CA ILE B 108 -6.61 4.86 12.45
C ILE B 108 -7.97 5.25 11.89
N ALA B 109 -8.07 6.52 11.48
CA ALA B 109 -9.34 7.08 11.00
C ALA B 109 -9.36 6.99 9.48
N CYS B 110 -10.14 6.05 8.95
CA CYS B 110 -10.17 5.81 7.50
C CYS B 110 -11.27 6.60 6.83
N GLY B 111 -10.88 7.52 5.95
CA GLY B 111 -11.84 8.25 5.17
C GLY B 111 -12.25 7.56 3.88
N ARG B 112 -13.31 8.09 3.29
CA ARG B 112 -13.81 7.69 1.98
C ARG B 112 -14.21 8.97 1.28
N TYR B 113 -14.92 8.85 0.15
CA TYR B 113 -15.28 10.03 -0.64
C TYR B 113 -14.01 10.82 -0.98
N GLU B 114 -14.05 12.15 -0.85
CA GLU B 114 -12.87 12.98 -1.14
C GLU B 114 -12.10 13.35 0.10
N GLY B 115 -12.35 12.65 1.19
CA GLY B 115 -11.61 12.87 2.41
C GLY B 115 -12.48 13.38 3.54
N ILE B 116 -11.83 13.75 4.65
CA ILE B 116 -12.50 14.15 5.87
C ILE B 116 -12.31 15.63 6.12
N ASP B 117 -13.37 16.31 6.54
CA ASP B 117 -13.30 17.71 6.96
C ASP B 117 -12.06 17.93 7.83
N GLN B 118 -11.26 18.94 7.47
CA GLN B 118 -9.98 19.18 8.15
C GLN B 118 -10.14 19.44 9.64
N ARG B 119 -11.32 19.89 10.06
CA ARG B 119 -11.50 20.22 11.48
C ARG B 119 -11.47 18.98 12.37
N VAL B 120 -11.67 17.80 11.81
CA VAL B 120 -11.58 16.58 12.63
C VAL B 120 -10.16 16.43 13.18
N ALA B 121 -9.17 16.51 12.29
CA ALA B 121 -7.79 16.41 12.73
C ALA B 121 -7.40 17.59 13.60
N ASP B 122 -7.90 18.79 13.25
CA ASP B 122 -7.55 19.99 14.01
C ASP B 122 -8.11 19.95 15.43
N ASP B 123 -9.36 19.53 15.57
CA ASP B 123 -9.97 19.38 16.88
C ASP B 123 -9.26 18.31 17.68
N ALA B 124 -8.94 17.19 17.04
CA ALA B 124 -8.27 16.09 17.72
C ALA B 124 -6.92 16.54 18.25
N ALA B 125 -6.21 17.35 17.48
CA ALA B 125 -4.86 17.77 17.88
C ALA B 125 -4.85 18.66 19.12
N THR B 126 -6.00 19.20 19.52
CA THR B 126 -6.07 19.96 20.76
C THR B 126 -6.06 19.04 21.96
N ARG B 127 -6.24 17.74 21.74
CA ARG B 127 -6.37 16.77 22.83
C ARG B 127 -5.34 15.65 22.77
N MET B 128 -4.88 15.32 21.58
CA MET B 128 -3.98 14.18 21.41
C MET B 128 -3.02 14.47 20.27
N ARG B 129 -2.05 13.58 20.07
CA ARG B 129 -1.16 13.67 18.92
C ARG B 129 -1.82 13.13 17.66
N VAL B 130 -1.68 13.85 16.55
CA VAL B 130 -2.33 13.50 15.30
C VAL B 130 -1.29 13.43 14.20
N ARG B 131 -1.40 12.39 13.36
CA ARG B 131 -0.46 12.21 12.26
C ARG B 131 -1.20 11.94 10.95
N GLU B 132 -1.23 12.94 10.06
CA GLU B 132 -1.73 12.73 8.71
C GLU B 132 -0.61 12.16 7.86
N VAL B 133 -0.82 10.97 7.29
CA VAL B 133 0.25 10.30 6.53
C VAL B 133 -0.25 9.70 5.24
N SER B 134 0.68 9.58 4.29
CA SER B 134 0.43 8.92 3.01
C SER B 134 1.35 7.72 2.84
N ILE B 135 0.82 6.60 2.37
CA ILE B 135 1.65 5.42 2.18
C ILE B 135 2.36 5.33 0.81
N GLY B 136 2.10 6.29 -0.07
CA GLY B 136 2.77 6.30 -1.35
C GLY B 136 2.17 7.28 -2.34
N ASP B 137 2.85 7.50 -3.47
CA ASP B 137 2.42 8.53 -4.41
C ASP B 137 1.51 7.97 -5.49
N TYR B 138 0.32 7.56 -5.06
CA TYR B 138 -0.74 7.04 -5.91
C TYR B 138 -2.00 7.35 -5.15
N VAL B 139 -3.14 7.27 -5.83
CA VAL B 139 -4.41 7.62 -5.20
C VAL B 139 -5.27 6.37 -4.99
N LEU B 140 -5.80 6.22 -3.78
CA LEU B 140 -6.71 5.15 -3.42
C LEU B 140 -8.13 5.68 -3.32
N ASN B 141 -9.10 4.80 -3.14
CA ASN B 141 -10.48 5.24 -2.94
C ASN B 141 -10.81 5.57 -1.48
N GLY B 142 -9.94 5.17 -0.56
CA GLY B 142 -10.18 5.45 0.85
C GLY B 142 -9.02 4.98 1.70
N GLY B 143 -9.14 5.17 3.00
CA GLY B 143 -8.02 4.89 3.89
C GLY B 143 -7.82 3.43 4.29
N GLU B 144 -8.79 2.56 3.98
CA GLU B 144 -8.75 1.19 4.48
C GLU B 144 -7.50 0.41 4.03
N ALA B 145 -7.16 0.46 2.74
CA ALA B 145 -5.97 -0.27 2.29
C ALA B 145 -4.71 0.30 2.92
N ALA B 146 -4.71 1.61 3.15
CA ALA B 146 -3.56 2.26 3.80
C ALA B 146 -3.47 1.80 5.24
N ALA B 147 -4.61 1.65 5.91
CA ALA B 147 -4.61 1.13 7.26
C ALA B 147 -3.99 -0.27 7.33
N LEU B 148 -4.31 -1.12 6.36
CA LEU B 148 -3.76 -2.46 6.37
C LEU B 148 -2.25 -2.42 6.20
N VAL B 149 -1.76 -1.54 5.33
CA VAL B 149 -0.32 -1.41 5.11
C VAL B 149 0.36 -0.92 6.38
N ILE B 150 -0.22 0.09 7.00
CA ILE B 150 0.37 0.68 8.19
C ILE B 150 0.41 -0.33 9.34
N ILE B 151 -0.71 -1.03 9.56
CA ILE B 151 -0.76 -2.03 10.60
C ILE B 151 0.29 -3.11 10.39
N GLU B 152 0.43 -3.58 9.16
CA GLU B 152 1.39 -4.65 8.88
C GLU B 152 2.82 -4.18 9.12
N ALA B 153 3.15 -3.00 8.63
CA ALA B 153 4.52 -2.47 8.76
C ALA B 153 4.88 -2.23 10.23
N VAL B 154 3.90 -1.79 11.01
CA VAL B 154 4.14 -1.48 12.42
C VAL B 154 4.20 -2.73 13.26
N LEU B 155 3.25 -3.65 13.07
CA LEU B 155 3.16 -4.81 13.95
C LEU B 155 4.37 -5.73 13.84
N ARG B 156 5.03 -5.76 12.69
CA ARG B 156 6.17 -6.65 12.57
C ARG B 156 7.38 -6.13 13.38
N LEU B 157 7.29 -4.90 13.88
CA LEU B 157 8.36 -4.29 14.66
C LEU B 157 8.08 -4.19 16.17
N VAL B 158 6.87 -4.51 16.59
CA VAL B 158 6.50 -4.36 17.99
C VAL B 158 7.36 -5.29 18.85
N PRO B 159 7.92 -4.76 19.95
CA PRO B 159 8.82 -5.55 20.80
C PRO B 159 8.19 -6.87 21.22
N GLY B 160 8.82 -7.97 20.83
CA GLY B 160 8.27 -9.29 21.08
C GLY B 160 7.55 -9.88 19.88
N VAL B 161 7.91 -9.41 18.69
CA VAL B 161 7.31 -9.93 17.45
C VAL B 161 8.37 -10.19 16.39
N SER B 179 17.58 1.88 3.69
CA SER B 179 18.97 2.28 3.42
C SER B 179 19.38 1.93 2.00
N LEU B 180 19.30 0.64 1.67
CA LEU B 180 19.63 0.12 0.34
C LEU B 180 18.64 -0.97 -0.05
N LEU B 181 18.49 -1.24 -1.35
CA LEU B 181 17.56 -2.27 -1.78
C LEU B 181 18.17 -3.65 -1.66
N GLU B 182 17.37 -4.61 -1.22
CA GLU B 182 17.78 -6.00 -1.16
C GLU B 182 18.17 -6.55 -2.53
N GLY B 183 19.20 -7.37 -2.57
CA GLY B 183 19.55 -8.07 -3.79
C GLY B 183 18.69 -9.31 -4.00
N PRO B 184 18.98 -10.07 -5.04
CA PRO B 184 18.21 -11.28 -5.35
C PRO B 184 18.50 -12.41 -4.37
N SER B 185 17.51 -13.28 -4.21
CA SER B 185 17.62 -14.49 -3.38
C SER B 185 17.40 -15.73 -4.24
N TYR B 186 17.97 -16.84 -3.81
CA TYR B 186 17.91 -18.12 -4.53
C TYR B 186 17.79 -19.29 -3.59
N THR B 187 17.13 -20.34 -4.05
CA THR B 187 17.10 -21.58 -3.29
C THR B 187 17.14 -22.76 -4.25
N ARG B 188 16.97 -23.98 -3.73
CA ARG B 188 17.14 -25.19 -4.56
C ARG B 188 16.05 -25.33 -5.62
N PRO B 189 16.38 -25.97 -6.76
CA PRO B 189 17.65 -26.60 -7.18
C PRO B 189 18.66 -25.60 -7.72
N PRO B 190 19.96 -25.97 -7.74
CA PRO B 190 20.99 -25.02 -8.15
C PRO B 190 20.92 -24.70 -9.65
N SER B 191 20.32 -25.60 -10.43
CA SER B 191 20.03 -25.34 -11.83
CA SER B 191 20.04 -25.34 -11.84
C SER B 191 18.54 -25.58 -12.08
N TRP B 192 17.87 -24.60 -12.67
CA TRP B 192 16.43 -24.69 -12.93
C TRP B 192 16.10 -24.07 -14.28
N ARG B 193 15.49 -24.87 -15.17
CA ARG B 193 15.19 -24.43 -16.54
C ARG B 193 16.42 -23.89 -17.24
N GLY B 194 17.58 -24.45 -16.92
CA GLY B 194 18.83 -24.02 -17.53
C GLY B 194 19.36 -22.69 -16.98
N MET B 195 18.80 -22.26 -15.86
CA MET B 195 19.25 -21.05 -15.16
C MET B 195 19.97 -21.42 -13.88
N ASP B 196 21.22 -20.99 -13.74
CA ASP B 196 22.03 -21.35 -12.59
C ASP B 196 21.94 -20.31 -11.48
N VAL B 197 21.95 -20.80 -10.24
CA VAL B 197 22.19 -19.95 -9.09
C VAL B 197 23.61 -19.42 -9.25
N PRO B 198 23.81 -18.10 -9.03
CA PRO B 198 25.18 -17.55 -9.10
C PRO B 198 26.16 -18.40 -8.32
N PRO B 199 27.22 -18.88 -8.98
CA PRO B 199 28.15 -19.85 -8.38
C PRO B 199 28.75 -19.39 -7.05
N VAL B 200 28.92 -18.09 -6.86
CA VAL B 200 29.52 -17.60 -5.62
C VAL B 200 28.67 -18.02 -4.41
N LEU B 201 27.36 -18.14 -4.61
CA LEU B 201 26.46 -18.44 -3.49
C LEU B 201 26.57 -19.90 -3.09
N LEU B 202 27.18 -20.70 -3.96
CA LEU B 202 27.40 -22.12 -3.68
C LEU B 202 28.79 -22.37 -3.14
N SER B 203 29.62 -21.33 -3.06
CA SER B 203 31.04 -21.49 -2.77
C SER B 203 31.34 -21.67 -1.28
N GLY B 204 30.44 -21.23 -0.42
CA GLY B 204 30.68 -21.28 1.01
C GLY B 204 31.65 -20.22 1.51
N ASP B 205 32.04 -19.32 0.61
CA ASP B 205 32.98 -18.26 0.94
C ASP B 205 32.23 -16.99 1.38
N HIS B 206 32.09 -16.82 2.69
CA HIS B 206 31.28 -15.74 3.24
C HIS B 206 31.71 -14.34 2.79
N ALA B 207 33.02 -14.08 2.75
CA ALA B 207 33.49 -12.78 2.30
C ALA B 207 33.10 -12.50 0.85
N LYS B 208 33.34 -13.47 -0.03
CA LYS B 208 32.97 -13.33 -1.43
C LYS B 208 31.45 -13.21 -1.59
N ILE B 209 30.71 -13.99 -0.82
CA ILE B 209 29.24 -13.92 -0.85
C ILE B 209 28.75 -12.55 -0.38
N ALA B 210 29.31 -12.06 0.72
CA ALA B 210 28.92 -10.75 1.24
C ALA B 210 29.20 -9.65 0.22
N ALA B 211 30.36 -9.70 -0.42
CA ALA B 211 30.75 -8.70 -1.39
C ALA B 211 29.86 -8.74 -2.63
N TRP B 212 29.53 -9.95 -3.08
CA TRP B 212 28.64 -10.10 -4.22
C TRP B 212 27.26 -9.55 -3.90
N ARG B 213 26.76 -9.85 -2.71
CA ARG B 213 25.43 -9.37 -2.31
C ARG B 213 25.41 -7.85 -2.19
N ALA B 214 26.52 -7.28 -1.75
CA ALA B 214 26.65 -5.82 -1.64
C ALA B 214 26.62 -5.19 -3.03
N GLU B 215 27.34 -5.81 -3.96
CA GLU B 215 27.38 -5.35 -5.35
C GLU B 215 26.00 -5.45 -6.01
N GLN B 216 25.28 -6.54 -5.76
CA GLN B 216 23.94 -6.69 -6.30
C GLN B 216 23.01 -5.61 -5.76
N SER B 217 23.11 -5.35 -4.48
CA SER B 217 22.28 -4.35 -3.82
CA SER B 217 22.27 -4.35 -3.84
C SER B 217 22.58 -2.94 -4.35
N ARG B 218 23.85 -2.62 -4.54
CA ARG B 218 24.13 -1.27 -4.98
CA ARG B 218 24.27 -1.31 -5.07
C ARG B 218 23.73 -1.12 -6.46
N GLN B 219 23.88 -2.16 -7.28
CA GLN B 219 23.42 -2.08 -8.66
C GLN B 219 21.91 -1.90 -8.72
N ARG B 220 21.18 -2.63 -7.88
CA ARG B 220 19.73 -2.52 -7.86
C ARG B 220 19.27 -1.14 -7.41
N THR B 221 19.93 -0.63 -6.39
CA THR B 221 19.55 0.65 -5.84
C THR B 221 19.79 1.76 -6.86
N ILE B 222 20.95 1.75 -7.51
CA ILE B 222 21.24 2.71 -8.56
C ILE B 222 20.21 2.67 -9.69
N GLU B 223 19.85 1.45 -10.11
CA GLU B 223 18.92 1.26 -11.21
C GLU B 223 17.50 1.68 -10.88
N ARG B 224 17.03 1.30 -9.69
CA ARG B 224 15.61 1.39 -9.36
C ARG B 224 15.25 2.53 -8.43
N ARG B 225 16.18 2.87 -7.53
CA ARG B 225 15.92 3.89 -6.53
C ARG B 225 17.15 4.78 -6.31
N PRO B 226 17.59 5.47 -7.37
CA PRO B 226 18.81 6.27 -7.21
C PRO B 226 18.67 7.37 -6.16
N ASP B 227 17.45 7.79 -5.85
CA ASP B 227 17.23 8.80 -4.82
C ASP B 227 17.75 8.32 -3.45
N LEU B 228 17.73 7.01 -3.20
CA LEU B 228 18.17 6.51 -1.90
C LEU B 228 19.67 6.77 -1.69
N LEU B 229 20.41 6.88 -2.79
CA LEU B 229 21.84 7.16 -2.73
C LEU B 229 22.17 8.61 -3.07
N GLY B 230 21.12 9.44 -3.13
CA GLY B 230 21.33 10.87 -3.32
C GLY B 230 21.52 11.30 -4.77
N PHE B 231 20.92 10.54 -5.70
CA PHE B 231 20.97 10.92 -7.11
C PHE B 231 19.58 11.32 -7.60
N ASP B 232 19.54 11.98 -8.75
CA ASP B 232 18.27 12.37 -9.38
C ASP B 232 17.42 11.16 -9.72
N SER B 233 16.10 11.32 -9.61
CA SER B 233 15.15 10.30 -10.04
C SER B 233 14.96 10.38 -11.56
N PRO B 234 14.65 9.23 -12.19
CA PRO B 234 14.51 9.16 -13.66
C PRO B 234 13.46 10.10 -14.22
C10 JQB C . 8.18 -11.03 1.14
C13 JQB C . 7.77 -8.83 0.98
C15 JQB C . 7.05 -6.65 0.20
C17 JQB C . 6.69 -8.57 -1.24
C20 JQB C . 6.08 -4.08 -1.79
C22 JQB C . 6.99 -2.95 0.28
O01 JQB C . 10.45 -9.42 5.40
C02 JQB C . 11.12 -9.29 4.15
N03 JQB C . 12.40 -9.06 4.13
C04 JQB C . 13.05 -8.92 2.97
C05 JQB C . 12.39 -9.02 1.73
C06 JQB C . 11.02 -9.26 1.71
C07 JQB C . 10.36 -9.40 2.97
C08 JQB C . 8.89 -9.65 3.07
N09 JQB C . 8.30 -9.84 1.76
C11 JQB C . 7.55 -10.80 -0.11
C12 JQB C . 7.28 -9.40 -0.22
C14 JQB C . 7.66 -7.44 1.20
C16 JQB C . 6.57 -7.20 -1.03
C18 JQB C . 7.04 -5.17 0.43
C19 JQB C . 6.70 -4.11 -0.42
N21 JQB C . 5.61 -3.99 -2.84
N23 JQB C . 7.52 -3.30 1.49
N24 JQB C . 7.57 -4.64 1.56
N25 JQB C . 6.79 -1.60 -0.18
S SO4 D . -27.34 18.90 7.81
O1 SO4 D . -28.57 19.68 7.86
O2 SO4 D . -27.66 17.49 8.04
O3 SO4 D . -26.42 19.37 8.84
O4 SO4 D . -26.72 19.05 6.50
S SO4 E . 8.71 -9.72 -24.10
O1 SO4 E . 8.96 -8.37 -23.56
O2 SO4 E . 7.42 -10.18 -23.58
O3 SO4 E . 9.78 -10.63 -23.65
O4 SO4 E . 8.70 -9.68 -25.55
C10 JQB F . -10.49 9.22 0.70
C13 JQB F . -8.38 8.59 0.31
C15 JQB F . -6.10 7.81 0.58
C17 JQB F . -7.48 8.08 2.57
C20 JQB F . -3.07 7.22 1.91
C22 JQB F . -2.62 7.32 -0.57
O01 JQB F . -9.95 10.49 -4.21
C02 JQB F . -9.49 11.30 -3.16
N03 JQB F . -9.19 12.55 -3.40
C04 JQB F . -8.75 13.35 -2.42
C05 JQB F . -8.60 12.89 -1.10
C06 JQB F . -8.91 11.56 -0.81
C07 JQB F . -9.36 10.72 -1.89
C08 JQB F . -9.74 9.28 -1.67
N09 JQB F . -9.56 9.01 -0.26
C11 JQB F . -9.91 8.91 1.96
C12 JQB F . -8.55 8.51 1.72
C14 JQB F . -7.13 8.26 -0.27
C16 JQB F . -6.26 7.75 2.01
C18 JQB F . -4.77 7.56 -0.08
C19 JQB F . -3.52 7.38 0.49
N21 JQB F . -2.65 7.07 2.96
N23 JQB F . -3.31 7.47 -1.74
N24 JQB F . -4.62 7.65 -1.42
N25 JQB F . -1.20 7.11 -0.46
S SO4 G . 2.83 16.54 18.38
O1 SO4 G . 1.78 15.97 17.54
O2 SO4 G . 2.25 17.09 19.60
O3 SO4 G . 3.79 15.49 18.73
O4 SO4 G . 3.52 17.59 17.64
#